data_4D3L
#
_entry.id   4D3L
#
_cell.length_a   102.302
_cell.length_b   103.345
_cell.length_c   109.067
_cell.angle_alpha   90.00
_cell.angle_beta   90.00
_cell.angle_gamma   90.00
#
_symmetry.space_group_name_H-M   'I 21 21 21'
#
loop_
_entity.id
_entity.type
_entity.pdbx_description
1 polymer 'CARBOHYDRATE BINDING MODULE'
2 non-polymer 'NONAETHYLENE GLYCOL'
3 non-polymer 'HEXAETHYLENE GLYCOL'
4 non-polymer 1,2-ETHANEDIOL
5 non-polymer GLYCEROL
6 non-polymer DI(HYDROXYETHYL)ETHER
7 non-polymer 'CALCIUM ION'
8 non-polymer 'TETRAETHYLENE GLYCOL'
9 non-polymer '(3S)-3-HYDROXYHEPTANEDIOIC ACID'
10 water water
#
_entity_poly.entity_id   1
_entity_poly.type   'polypeptide(L)'
_entity_poly.pdbx_seq_one_letter_code
;(MSE)ASDGYTIKPNKKVTYSALGEDER(MSE)IGFSYKDFGISSSEKITEVQVNISANKNIGKYVGQFGTSTTDSANGY
WA(MSE)GDEITQSISGNSGTITWKVPSDISSIIQTQYGGEIKFGVWWIDCDEFTIDSVVLKLEHHHHHH
;
_entity_poly.pdbx_strand_id   A,B,C
#
loop_
_chem_comp.id
_chem_comp.type
_chem_comp.name
_chem_comp.formula
2PE non-polymer 'NONAETHYLENE GLYCOL' 'C18 H38 O10'
CA non-polymer 'CALCIUM ION' 'Ca 2'
EDO non-polymer 1,2-ETHANEDIOL 'C2 H6 O2'
GOL non-polymer GLYCEROL 'C3 H8 O3'
HHD non-polymer '(3S)-3-HYDROXYHEPTANEDIOIC ACID' 'C7 H12 O5'
P6G non-polymer 'HEXAETHYLENE GLYCOL' 'C12 H26 O7'
PEG non-polymer DI(HYDROXYETHYL)ETHER 'C4 H10 O3'
PG4 non-polymer 'TETRAETHYLENE GLYCOL' 'C8 H18 O5'
#
# COMPACT_ATOMS: atom_id res chain seq x y z
N SER A 3 -8.39 -24.59 31.19
CA SER A 3 -9.14 -23.42 30.63
C SER A 3 -9.16 -23.40 29.12
N ASP A 4 -9.77 -22.35 28.55
CA ASP A 4 -10.03 -22.19 27.10
C ASP A 4 -9.36 -21.00 26.43
N GLY A 5 -8.55 -20.28 27.19
CA GLY A 5 -7.71 -19.27 26.61
C GLY A 5 -6.77 -18.62 27.60
N TYR A 6 -5.77 -17.94 27.05
CA TYR A 6 -4.75 -17.17 27.80
C TYR A 6 -4.58 -15.81 27.16
N THR A 7 -4.24 -14.85 28.00
CA THR A 7 -4.04 -13.48 27.59
C THR A 7 -2.72 -12.96 28.15
N ILE A 8 -1.99 -12.17 27.34
CA ILE A 8 -0.90 -11.33 27.83
C ILE A 8 -1.21 -9.87 27.56
N LYS A 9 -0.63 -8.97 28.38
CA LYS A 9 -0.80 -7.54 28.21
C LYS A 9 0.56 -6.89 28.06
N PRO A 10 1.09 -6.85 26.85
CA PRO A 10 2.45 -6.34 26.70
C PRO A 10 2.54 -4.82 26.68
N ASN A 11 1.43 -4.12 26.45
CA ASN A 11 1.45 -2.66 26.33
C ASN A 11 2.63 -2.22 25.45
N LYS A 12 2.74 -2.79 24.25
CA LYS A 12 3.87 -2.52 23.39
C LYS A 12 3.50 -1.45 22.37
N LYS A 13 4.15 -0.31 22.48
CA LYS A 13 3.99 0.77 21.52
CA LYS A 13 4.00 0.77 21.53
C LYS A 13 4.74 0.42 20.25
N VAL A 14 4.08 0.58 19.12
CA VAL A 14 4.68 0.28 17.82
C VAL A 14 4.54 1.51 16.95
N THR A 15 5.64 1.91 16.30
CA THR A 15 5.62 2.93 15.23
C THR A 15 5.96 2.24 13.90
N TYR A 16 4.94 2.04 13.07
CA TYR A 16 5.08 1.26 11.85
C TYR A 16 6.21 1.79 10.98
N SER A 17 6.21 3.09 10.72
CA SER A 17 7.20 3.73 9.84
C SER A 17 8.65 3.66 10.36
N ALA A 18 8.85 3.32 11.63
CA ALA A 18 10.18 3.16 12.19
C ALA A 18 10.69 1.71 12.09
N LEU A 19 9.84 0.77 11.69
CA LEU A 19 10.26 -0.62 11.54
C LEU A 19 11.03 -0.81 10.22
N GLY A 20 12.21 -1.43 10.30
CA GLY A 20 12.93 -1.84 9.10
C GLY A 20 12.19 -2.94 8.36
N GLU A 21 12.57 -3.16 7.11
CA GLU A 21 11.94 -4.18 6.27
C GLU A 21 12.03 -5.59 6.83
N ASP A 22 13.00 -5.81 7.70
CA ASP A 22 13.14 -7.10 8.37
C ASP A 22 12.65 -7.08 9.80
N GLU A 23 11.87 -6.07 10.19
CA GLU A 23 11.39 -5.95 11.59
C GLU A 23 9.90 -5.76 11.66
N ARG A 24 9.19 -6.12 10.59
CA ARG A 24 7.73 -5.88 10.57
C ARG A 24 6.90 -7.03 11.21
N MSE A 25 7.57 -8.05 11.75
CA MSE A 25 6.90 -9.05 12.56
C MSE A 25 7.24 -8.87 14.04
O MSE A 25 8.40 -8.95 14.41
CB MSE A 25 7.30 -10.43 12.09
CG MSE A 25 6.82 -10.67 10.67
SE MSE A 25 6.58 -12.60 10.28
CE MSE A 25 4.65 -12.69 10.71
N ILE A 26 6.24 -8.60 14.87
CA ILE A 26 6.42 -8.45 16.30
CA ILE A 26 6.42 -8.43 16.29
C ILE A 26 6.20 -9.80 16.99
N GLY A 27 7.22 -10.29 17.68
CA GLY A 27 7.23 -11.61 18.28
C GLY A 27 6.84 -11.66 19.75
N PHE A 28 6.13 -12.70 20.16
CA PHE A 28 5.83 -12.94 21.59
C PHE A 28 6.11 -14.39 21.89
N SER A 29 6.86 -14.63 22.96
CA SER A 29 7.18 -15.97 23.39
CA SER A 29 7.19 -15.99 23.38
C SER A 29 5.94 -16.69 23.91
N TYR A 30 5.70 -17.91 23.42
CA TYR A 30 4.54 -18.67 23.90
C TYR A 30 4.62 -18.92 25.43
N LYS A 31 5.82 -19.08 25.97
CA LYS A 31 5.97 -19.27 27.41
C LYS A 31 5.43 -18.11 28.25
N ASP A 32 5.36 -16.90 27.68
CA ASP A 32 4.72 -15.78 28.40
C ASP A 32 3.21 -15.95 28.70
N PHE A 33 2.53 -16.81 27.94
CA PHE A 33 1.09 -17.01 28.09
C PHE A 33 0.78 -18.02 29.19
N GLY A 34 1.71 -18.95 29.43
CA GLY A 34 1.45 -20.07 30.32
C GLY A 34 0.71 -21.24 29.66
N ILE A 35 0.72 -21.30 28.32
CA ILE A 35 0.03 -22.38 27.60
C ILE A 35 0.71 -23.75 27.82
N SER A 36 -0.10 -24.79 27.93
CA SER A 36 0.39 -26.15 28.00
C SER A 36 0.52 -26.72 26.59
N SER A 37 1.52 -27.59 26.41
CA SER A 37 1.66 -28.36 25.17
C SER A 37 0.49 -29.32 24.84
N SER A 38 -0.35 -29.65 25.81
CA SER A 38 -1.55 -30.49 25.54
C SER A 38 -2.70 -29.69 24.91
N GLU A 39 -2.60 -28.35 24.85
CA GLU A 39 -3.71 -27.51 24.41
C GLU A 39 -3.56 -27.02 22.95
N LYS A 40 -4.64 -27.03 22.19
CA LYS A 40 -4.61 -26.71 20.79
CA LYS A 40 -4.61 -26.70 20.76
C LYS A 40 -5.16 -25.31 20.55
N ILE A 41 -4.37 -24.47 19.88
CA ILE A 41 -4.76 -23.10 19.60
C ILE A 41 -5.65 -23.03 18.37
N THR A 42 -6.82 -22.44 18.53
CA THR A 42 -7.76 -22.27 17.43
C THR A 42 -7.76 -20.86 16.90
N GLU A 43 -7.45 -19.89 17.75
CA GLU A 43 -7.48 -18.49 17.35
C GLU A 43 -6.48 -17.61 18.11
N VAL A 44 -5.89 -16.63 17.40
CA VAL A 44 -5.03 -15.63 18.02
C VAL A 44 -5.70 -14.26 17.77
N GLN A 45 -5.86 -13.48 18.83
CA GLN A 45 -6.39 -12.13 18.76
C GLN A 45 -5.40 -11.11 19.27
N VAL A 46 -5.24 -10.03 18.53
CA VAL A 46 -4.39 -8.94 18.92
C VAL A 46 -5.26 -7.70 19.07
N ASN A 47 -5.32 -7.16 20.29
CA ASN A 47 -6.13 -5.99 20.61
C ASN A 47 -5.26 -4.76 20.63
N ILE A 48 -5.56 -3.80 19.77
CA ILE A 48 -4.74 -2.60 19.58
C ILE A 48 -5.54 -1.34 19.84
N SER A 49 -4.83 -0.26 20.16
CA SER A 49 -5.44 1.06 20.27
C SER A 49 -4.50 2.15 19.78
N ALA A 50 -5.03 3.33 19.55
CA ALA A 50 -4.25 4.45 19.05
C ALA A 50 -4.87 5.75 19.57
N ASN A 51 -4.19 6.87 19.33
CA ASN A 51 -4.69 8.18 19.75
CA ASN A 51 -4.70 8.18 19.76
C ASN A 51 -5.57 8.83 18.67
N LYS A 52 -5.89 8.06 17.63
CA LYS A 52 -6.84 8.48 16.62
C LYS A 52 -7.41 7.23 15.92
N ASN A 53 -8.30 7.44 14.96
CA ASN A 53 -8.90 6.33 14.21
C ASN A 53 -7.83 5.49 13.51
N ILE A 54 -7.93 4.17 13.68
CA ILE A 54 -6.87 3.27 13.23
C ILE A 54 -6.89 3.11 11.70
N GLY A 55 -8.07 2.94 11.12
CA GLY A 55 -8.20 2.66 9.69
C GLY A 55 -7.76 1.24 9.34
N LYS A 56 -7.17 1.11 8.16
CA LYS A 56 -6.82 -0.20 7.64
C LYS A 56 -5.50 -0.77 8.11
N TYR A 57 -5.55 -2.06 8.45
CA TYR A 57 -4.39 -2.90 8.73
C TYR A 57 -4.31 -3.98 7.67
N VAL A 58 -3.07 -4.29 7.26
CA VAL A 58 -2.77 -5.42 6.37
C VAL A 58 -1.58 -6.14 6.97
N GLY A 59 -1.70 -7.45 7.12
CA GLY A 59 -0.62 -8.23 7.68
C GLY A 59 -0.91 -9.71 7.66
N GLN A 60 -0.05 -10.44 8.37
CA GLN A 60 -0.10 -11.88 8.50
C GLN A 60 0.49 -12.29 9.83
N PHE A 61 0.02 -13.42 10.35
CA PHE A 61 0.63 -14.04 11.51
C PHE A 61 1.58 -15.16 11.12
N GLY A 62 2.58 -15.40 11.96
CA GLY A 62 3.40 -16.58 11.83
C GLY A 62 3.63 -17.22 13.19
N THR A 63 3.98 -18.50 13.18
CA THR A 63 4.25 -19.25 14.40
C THR A 63 5.38 -20.25 14.20
N SER A 64 6.12 -20.51 15.28
CA SER A 64 7.00 -21.67 15.37
C SER A 64 6.18 -22.96 15.25
N THR A 65 6.79 -23.99 14.69
CA THR A 65 6.18 -25.31 14.62
C THR A 65 7.25 -26.38 14.91
N THR A 66 6.80 -27.62 15.04
CA THR A 66 7.71 -28.77 15.23
C THR A 66 8.16 -29.43 13.93
N ASP A 67 7.82 -28.81 12.80
CA ASP A 67 8.02 -29.39 11.46
C ASP A 67 9.39 -28.97 10.86
N SER A 68 10.43 -29.78 11.08
CA SER A 68 11.77 -29.45 10.55
CA SER A 68 11.78 -29.46 10.55
C SER A 68 11.81 -29.35 9.03
N ALA A 69 10.97 -30.12 8.33
CA ALA A 69 10.98 -30.08 6.86
C ALA A 69 10.55 -28.72 6.30
N ASN A 70 9.77 -27.98 7.08
CA ASN A 70 9.37 -26.62 6.71
C ASN A 70 9.98 -25.56 7.64
N GLY A 71 11.19 -25.82 8.08
CA GLY A 71 11.97 -24.85 8.83
C GLY A 71 11.40 -24.39 10.17
N TYR A 72 10.53 -25.23 10.77
CA TYR A 72 9.94 -24.99 12.07
C TYR A 72 9.13 -23.70 12.06
N TRP A 73 8.48 -23.42 10.94
CA TRP A 73 7.78 -22.13 10.75
C TRP A 73 6.58 -22.32 9.84
N ALA A 74 5.48 -21.63 10.18
CA ALA A 74 4.32 -21.53 9.31
C ALA A 74 3.70 -20.16 9.42
N MSE A 75 3.06 -19.71 8.35
CA MSE A 75 2.37 -18.41 8.31
C MSE A 75 0.92 -18.59 7.95
O MSE A 75 0.60 -19.43 7.14
CB MSE A 75 3.02 -17.43 7.30
CG MSE A 75 4.18 -16.71 7.93
SE MSE A 75 5.21 -15.45 6.80
CE MSE A 75 3.61 -14.60 6.14
N GLY A 76 0.05 -17.76 8.49
CA GLY A 76 -1.35 -17.78 8.07
C GLY A 76 -1.62 -16.89 6.86
N ASP A 77 -2.88 -16.81 6.44
CA ASP A 77 -3.30 -15.97 5.31
C ASP A 77 -3.18 -14.49 5.63
N GLU A 78 -3.05 -13.69 4.58
CA GLU A 78 -3.04 -12.27 4.68
C GLU A 78 -4.38 -11.80 5.14
N ILE A 79 -4.35 -10.81 6.02
CA ILE A 79 -5.58 -10.27 6.60
C ILE A 79 -5.61 -8.80 6.29
N THR A 80 -6.72 -8.34 5.76
CA THR A 80 -6.97 -6.92 5.62
C THR A 80 -8.14 -6.58 6.49
N GLN A 81 -7.99 -5.58 7.33
CA GLN A 81 -9.04 -5.17 8.24
C GLN A 81 -9.15 -3.64 8.43
N SER A 82 -10.38 -3.12 8.36
CA SER A 82 -10.62 -1.71 8.68
C SER A 82 -11.19 -1.58 10.10
N ILE A 83 -10.52 -0.79 10.92
CA ILE A 83 -10.98 -0.48 12.25
C ILE A 83 -11.39 1.00 12.23
N SER A 84 -12.67 1.25 12.49
CA SER A 84 -13.21 2.61 12.31
C SER A 84 -12.80 3.56 13.43
N GLY A 85 -12.73 3.06 14.66
CA GLY A 85 -12.41 3.89 15.84
C GLY A 85 -10.95 3.81 16.32
N ASN A 86 -10.78 4.14 17.60
CA ASN A 86 -9.47 4.28 18.25
C ASN A 86 -8.94 2.93 18.81
N SER A 87 -9.76 1.88 18.79
CA SER A 87 -9.33 0.57 19.25
C SER A 87 -10.03 -0.53 18.46
N GLY A 88 -9.38 -1.68 18.35
CA GLY A 88 -9.96 -2.81 17.64
C GLY A 88 -9.13 -4.07 17.82
N THR A 89 -9.58 -5.14 17.17
CA THR A 89 -9.11 -6.50 17.39
C THR A 89 -8.83 -7.13 16.06
N ILE A 90 -7.62 -7.63 15.87
CA ILE A 90 -7.26 -8.41 14.70
C ILE A 90 -7.21 -9.89 15.04
N THR A 91 -7.88 -10.72 14.24
CA THR A 91 -8.03 -12.14 14.54
C THR A 91 -7.50 -13.07 13.46
N TRP A 92 -6.63 -13.99 13.87
CA TRP A 92 -6.24 -15.10 13.05
C TRP A 92 -6.93 -16.38 13.51
N LYS A 93 -7.76 -16.97 12.65
CA LYS A 93 -8.32 -18.31 12.90
C LYS A 93 -7.28 -19.29 12.40
N VAL A 94 -6.72 -20.09 13.30
CA VAL A 94 -5.57 -20.91 12.96
C VAL A 94 -6.07 -22.17 12.24
N PRO A 95 -5.52 -22.49 11.06
CA PRO A 95 -5.90 -23.74 10.37
C PRO A 95 -5.50 -24.98 11.18
N SER A 96 -6.32 -26.05 11.08
CA SER A 96 -6.12 -27.25 11.89
CA SER A 96 -6.12 -27.25 11.89
C SER A 96 -4.75 -27.88 11.67
N ASP A 97 -4.28 -27.84 10.44
CA ASP A 97 -2.99 -28.42 10.12
C ASP A 97 -1.83 -27.65 10.75
N ILE A 98 -1.95 -26.33 10.85
CA ILE A 98 -0.92 -25.55 11.54
C ILE A 98 -1.04 -25.72 13.04
N SER A 99 -2.25 -25.63 13.56
CA SER A 99 -2.48 -25.75 15.00
CA SER A 99 -2.49 -25.76 14.99
C SER A 99 -1.90 -27.05 15.56
N SER A 100 -2.07 -28.15 14.82
CA SER A 100 -1.55 -29.44 15.29
C SER A 100 -0.01 -29.52 15.41
N ILE A 101 0.73 -28.60 14.78
CA ILE A 101 2.19 -28.61 14.91
C ILE A 101 2.82 -27.37 15.54
N ILE A 102 2.02 -26.48 16.10
CA ILE A 102 2.58 -25.30 16.76
C ILE A 102 3.52 -25.73 17.88
N GLN A 103 4.67 -25.09 17.94
CA GLN A 103 5.65 -25.39 18.94
C GLN A 103 5.57 -24.30 20.00
N THR A 104 4.93 -24.60 21.13
CA THR A 104 4.85 -23.61 22.22
C THR A 104 6.04 -23.66 23.16
N GLN A 105 6.86 -24.71 23.05
CA GLN A 105 7.97 -24.93 23.96
C GLN A 105 9.30 -24.58 23.31
N TYR A 106 10.38 -24.59 24.10
CA TYR A 106 11.78 -24.52 23.59
C TYR A 106 12.07 -23.29 22.66
N GLY A 107 11.55 -22.14 23.05
CA GLY A 107 11.76 -20.91 22.29
C GLY A 107 10.70 -20.54 21.26
N GLY A 108 9.66 -21.35 21.15
CA GLY A 108 8.58 -21.05 20.21
C GLY A 108 7.86 -19.73 20.44
N GLU A 109 7.49 -19.09 19.34
CA GLU A 109 6.90 -17.77 19.33
C GLU A 109 5.73 -17.68 18.36
N ILE A 110 4.84 -16.76 18.66
CA ILE A 110 3.78 -16.31 17.81
C ILE A 110 4.22 -14.93 17.37
N LYS A 111 4.10 -14.66 16.07
CA LYS A 111 4.54 -13.39 15.51
C LYS A 111 3.41 -12.70 14.78
N PHE A 112 3.23 -11.41 15.08
CA PHE A 112 2.22 -10.54 14.50
C PHE A 112 2.88 -9.67 13.42
N GLY A 113 2.54 -9.91 12.15
CA GLY A 113 3.12 -9.15 11.06
C GLY A 113 2.26 -7.95 10.73
N VAL A 114 2.90 -6.78 10.62
CA VAL A 114 2.24 -5.55 10.19
C VAL A 114 2.88 -5.07 8.86
N TRP A 115 2.23 -5.38 7.74
CA TRP A 115 2.72 -4.97 6.43
C TRP A 115 2.29 -3.52 6.10
N TRP A 116 1.19 -3.07 6.70
CA TRP A 116 0.73 -1.70 6.53
C TRP A 116 -0.28 -1.40 7.61
N ILE A 117 -0.28 -0.17 8.12
CA ILE A 117 -1.36 0.31 8.98
C ILE A 117 -1.53 1.82 8.77
N ASP A 118 -2.77 2.27 8.63
CA ASP A 118 -3.04 3.69 8.30
C ASP A 118 -2.59 4.62 9.43
N CYS A 119 -2.98 4.33 10.67
CA CYS A 119 -2.50 5.09 11.84
CA CYS A 119 -2.48 5.09 11.81
C CYS A 119 -1.10 4.56 12.17
N ASP A 120 -0.09 5.43 12.15
CA ASP A 120 1.29 4.95 12.20
C ASP A 120 1.68 4.35 13.55
N GLU A 121 1.32 5.06 14.61
CA GLU A 121 1.60 4.65 15.98
C GLU A 121 0.36 4.02 16.61
N PHE A 122 0.56 2.87 17.22
CA PHE A 122 -0.51 2.18 17.94
C PHE A 122 0.14 1.39 19.04
N THR A 123 -0.67 0.85 19.93
CA THR A 123 -0.21 0.07 21.05
C THR A 123 -0.87 -1.29 20.98
N ILE A 124 -0.07 -2.33 21.19
CA ILE A 124 -0.62 -3.68 21.37
C ILE A 124 -0.98 -3.85 22.85
N ASP A 125 -2.27 -3.73 23.17
CA ASP A 125 -2.74 -3.80 24.55
C ASP A 125 -2.81 -5.23 25.07
N SER A 126 -3.25 -6.17 24.23
CA SER A 126 -3.25 -7.56 24.62
C SER A 126 -3.20 -8.48 23.43
N VAL A 127 -2.68 -9.68 23.68
CA VAL A 127 -2.68 -10.78 22.74
C VAL A 127 -3.37 -11.95 23.44
N VAL A 128 -4.34 -12.57 22.75
CA VAL A 128 -5.18 -13.61 23.34
C VAL A 128 -5.07 -14.87 22.49
N LEU A 129 -4.85 -16.02 23.15
CA LEU A 129 -4.91 -17.32 22.49
C LEU A 129 -6.21 -18.00 22.90
N LYS A 130 -6.99 -18.44 21.92
CA LYS A 130 -8.16 -19.24 22.19
C LYS A 130 -7.86 -20.70 21.87
N LEU A 131 -8.41 -21.59 22.69
CA LEU A 131 -8.10 -23.01 22.66
C LEU A 131 -9.31 -23.89 22.42
N GLU A 132 -9.00 -25.15 22.10
CA GLU A 132 -9.83 -26.34 22.36
C GLU A 132 -8.95 -27.50 23.01
N HIS A 133 -9.57 -28.67 23.25
CA HIS A 133 -8.99 -29.75 24.10
C HIS A 133 -9.09 -31.19 23.55
N HIS A 134 -8.76 -32.16 24.41
CA HIS A 134 -9.05 -33.61 24.18
C HIS A 134 -7.98 -34.18 23.28
N SER B 3 31.70 25.98 1.92
CA SER B 3 30.48 25.90 2.75
C SER B 3 30.05 24.47 3.03
N ASP B 4 28.92 24.31 3.74
CA ASP B 4 28.43 23.01 4.23
C ASP B 4 27.06 22.60 3.72
N GLY B 5 26.46 23.41 2.85
CA GLY B 5 25.29 22.97 2.15
C GLY B 5 24.76 23.94 1.15
N TYR B 6 23.90 23.42 0.26
CA TYR B 6 23.27 24.18 -0.80
C TYR B 6 21.81 23.90 -0.80
N THR B 7 21.04 24.91 -1.19
CA THR B 7 19.60 24.84 -1.22
C THR B 7 19.07 25.34 -2.57
N ILE B 8 18.07 24.63 -3.11
CA ILE B 8 17.25 25.16 -4.20
C ILE B 8 15.79 25.25 -3.76
N LYS B 9 15.04 26.15 -4.38
CA LYS B 9 13.64 26.37 -4.07
C LYS B 9 12.85 26.19 -5.35
N PRO B 10 12.45 24.95 -5.68
CA PRO B 10 11.77 24.76 -6.94
C PRO B 10 10.27 25.06 -6.89
N ASN B 11 9.67 25.12 -5.70
CA ASN B 11 8.22 25.35 -5.57
C ASN B 11 7.45 24.46 -6.55
N LYS B 12 7.76 23.17 -6.54
CA LYS B 12 7.18 22.27 -7.52
C LYS B 12 5.98 21.57 -6.92
N LYS B 13 4.82 21.86 -7.49
CA LYS B 13 3.57 21.20 -7.09
C LYS B 13 3.55 19.79 -7.68
N VAL B 14 3.24 18.81 -6.84
CA VAL B 14 3.16 17.43 -7.26
C VAL B 14 1.80 16.85 -6.88
N THR B 15 1.16 16.19 -7.85
CA THR B 15 -0.05 15.42 -7.59
C THR B 15 0.29 13.94 -7.83
N TYR B 16 0.45 13.20 -6.74
CA TYR B 16 0.90 11.82 -6.80
C TYR B 16 0.05 10.97 -7.75
N SER B 17 -1.27 11.05 -7.60
CA SER B 17 -2.20 10.25 -8.40
C SER B 17 -2.18 10.60 -9.90
N ALA B 18 -1.56 11.71 -10.27
CA ALA B 18 -1.48 12.08 -11.69
C ALA B 18 -0.16 11.61 -12.32
N LEU B 19 0.77 11.10 -11.53
CA LEU B 19 2.05 10.63 -12.07
C LEU B 19 1.89 9.27 -12.74
N GLY B 20 2.37 9.15 -13.98
CA GLY B 20 2.44 7.86 -14.65
C GLY B 20 3.44 6.95 -13.97
N GLU B 21 3.36 5.65 -14.26
CA GLU B 21 4.24 4.64 -13.67
C GLU B 21 5.72 4.90 -13.91
N ASP B 22 6.03 5.64 -14.96
CA ASP B 22 7.40 6.00 -15.26
C ASP B 22 7.74 7.43 -14.86
N GLU B 23 6.92 8.08 -14.05
CA GLU B 23 7.14 9.48 -13.69
C GLU B 23 7.16 9.69 -12.17
N ARG B 24 7.34 8.61 -11.39
CA ARG B 24 7.24 8.75 -9.94
C ARG B 24 8.57 9.18 -9.26
N MSE B 25 9.60 9.40 -10.07
CA MSE B 25 10.85 10.02 -9.58
C MSE B 25 10.99 11.42 -10.09
O MSE B 25 11.02 11.63 -11.28
CB MSE B 25 12.04 9.17 -10.00
CG MSE B 25 11.98 7.78 -9.38
SE MSE B 25 13.76 6.94 -9.23
CE MSE B 25 14.19 7.60 -7.42
N ILE B 26 11.05 12.39 -9.20
CA ILE B 26 11.17 13.80 -9.58
CA ILE B 26 11.18 13.80 -9.56
C ILE B 26 12.65 14.20 -9.55
N GLY B 27 13.17 14.64 -10.70
CA GLY B 27 14.59 14.89 -10.88
C GLY B 27 15.00 16.35 -10.71
N PHE B 28 16.17 16.59 -10.12
CA PHE B 28 16.76 17.92 -10.02
C PHE B 28 18.21 17.86 -10.42
N SER B 29 18.61 18.74 -11.32
CA SER B 29 19.96 18.77 -11.83
C SER B 29 20.92 19.24 -10.74
N TYR B 30 22.03 18.52 -10.56
CA TYR B 30 23.03 18.95 -9.58
C TYR B 30 23.58 20.34 -9.87
N LYS B 31 23.71 20.68 -11.14
CA LYS B 31 24.23 22.00 -11.51
C LYS B 31 23.36 23.15 -10.96
N ASP B 32 22.08 22.91 -10.73
CA ASP B 32 21.22 23.94 -10.13
C ASP B 32 21.59 24.36 -8.69
N PHE B 33 22.34 23.51 -7.98
CA PHE B 33 22.70 23.79 -6.61
C PHE B 33 23.97 24.61 -6.52
N GLY B 34 24.84 24.49 -7.53
CA GLY B 34 26.15 25.13 -7.51
C GLY B 34 27.22 24.31 -6.81
N ILE B 35 26.96 23.02 -6.58
CA ILE B 35 27.92 22.15 -5.89
C ILE B 35 29.24 21.89 -6.67
N SER B 36 30.37 21.88 -5.96
CA SER B 36 31.67 21.57 -6.52
C SER B 36 31.91 20.06 -6.49
N SER B 37 32.64 19.56 -7.47
CA SER B 37 33.09 18.17 -7.48
C SER B 37 34.08 17.78 -6.36
N SER B 38 34.68 18.74 -5.68
CA SER B 38 35.50 18.44 -4.50
C SER B 38 34.68 18.13 -3.22
N GLU B 39 33.36 18.35 -3.24
CA GLU B 39 32.52 18.28 -2.03
C GLU B 39 31.71 16.98 -1.96
N LYS B 40 31.61 16.39 -0.76
CA LYS B 40 30.94 15.10 -0.57
CA LYS B 40 30.94 15.11 -0.57
C LYS B 40 29.58 15.30 0.09
N ILE B 41 28.55 14.78 -0.55
CA ILE B 41 27.20 14.90 -0.04
C ILE B 41 26.96 13.84 1.05
N THR B 42 26.52 14.28 2.23
CA THR B 42 26.20 13.36 3.31
C THR B 42 24.70 13.14 3.47
N GLU B 43 23.91 14.17 3.12
CA GLU B 43 22.44 14.10 3.23
C GLU B 43 21.75 14.91 2.14
N VAL B 44 20.60 14.41 1.71
CA VAL B 44 19.70 15.15 0.87
C VAL B 44 18.40 15.30 1.67
N GLN B 45 17.92 16.54 1.78
CA GLN B 45 16.66 16.85 2.44
C GLN B 45 15.67 17.46 1.47
N VAL B 46 14.45 16.95 1.49
CA VAL B 46 13.38 17.48 0.69
C VAL B 46 12.30 17.99 1.63
N ASN B 47 12.07 19.30 1.57
CA ASN B 47 11.10 19.97 2.43
C ASN B 47 9.80 20.15 1.65
N ILE B 48 8.72 19.55 2.18
CA ILE B 48 7.42 19.56 1.49
C ILE B 48 6.36 20.18 2.37
N SER B 49 5.29 20.66 1.73
CA SER B 49 4.13 21.14 2.47
C SER B 49 2.85 20.81 1.68
N ALA B 50 1.72 20.91 2.37
CA ALA B 50 0.45 20.59 1.75
C ALA B 50 -0.64 21.47 2.40
N ASN B 51 -1.85 21.41 1.85
CA ASN B 51 -2.96 22.17 2.41
CA ASN B 51 -2.98 22.16 2.40
C ASN B 51 -3.70 21.39 3.50
N LYS B 52 -3.15 20.25 3.89
CA LYS B 52 -3.67 19.45 5.01
C LYS B 52 -2.56 18.53 5.52
N ASN B 53 -2.86 17.76 6.55
CA ASN B 53 -1.89 16.83 7.14
C ASN B 53 -1.36 15.85 6.10
N ILE B 54 -0.05 15.70 6.06
CA ILE B 54 0.60 14.94 4.99
C ILE B 54 0.41 13.45 5.19
N GLY B 55 0.61 12.98 6.43
CA GLY B 55 0.58 11.53 6.71
C GLY B 55 1.81 10.80 6.20
N LYS B 56 1.61 9.56 5.76
CA LYS B 56 2.69 8.68 5.35
C LYS B 56 3.21 8.90 3.93
N TYR B 57 4.53 8.92 3.84
CA TYR B 57 5.27 8.89 2.60
C TYR B 57 6.06 7.57 2.53
N VAL B 58 6.13 7.00 1.34
CA VAL B 58 6.97 5.85 1.04
C VAL B 58 7.68 6.16 -0.27
N GLY B 59 9.00 6.03 -0.27
CA GLY B 59 9.76 6.29 -1.48
C GLY B 59 11.21 5.97 -1.32
N GLN B 60 11.97 6.38 -2.32
CA GLN B 60 13.40 6.17 -2.41
C GLN B 60 14.04 7.31 -3.15
N PHE B 61 15.31 7.56 -2.86
CA PHE B 61 16.10 8.49 -3.67
C PHE B 61 16.97 7.71 -4.66
N GLY B 62 17.29 8.35 -5.77
CA GLY B 62 18.34 7.85 -6.65
C GLY B 62 19.25 8.99 -7.14
N THR B 63 20.47 8.65 -7.54
CA THR B 63 21.43 9.63 -8.01
C THR B 63 22.26 9.08 -9.16
N SER B 64 22.66 9.98 -10.06
CA SER B 64 23.68 9.67 -11.05
C SER B 64 25.01 9.41 -10.33
N THR B 65 25.79 8.51 -10.88
CA THR B 65 27.12 8.20 -10.35
C THR B 65 28.12 8.08 -11.50
N THR B 66 29.41 7.99 -11.15
CA THR B 66 30.50 7.75 -12.11
C THR B 66 30.85 6.27 -12.29
N ASP B 67 30.03 5.37 -11.72
CA ASP B 67 30.29 3.93 -11.65
C ASP B 67 29.65 3.21 -12.86
N SER B 68 30.43 3.08 -13.95
CA SER B 68 29.92 2.40 -15.15
C SER B 68 29.51 0.94 -14.91
N ALA B 69 30.13 0.24 -13.96
CA ALA B 69 29.77 -1.16 -13.67
C ALA B 69 28.35 -1.32 -13.10
N ASN B 70 27.83 -0.26 -12.50
CA ASN B 70 26.47 -0.21 -12.04
C ASN B 70 25.59 0.80 -12.79
N GLY B 71 25.87 0.96 -14.08
CA GLY B 71 25.03 1.74 -14.98
C GLY B 71 24.90 3.22 -14.67
N TYR B 72 25.88 3.77 -13.95
CA TYR B 72 25.94 5.18 -13.61
C TYR B 72 24.74 5.66 -12.76
N TRP B 73 24.25 4.74 -11.93
CA TRP B 73 23.01 4.96 -11.19
C TRP B 73 23.05 4.19 -9.88
N ALA B 74 22.63 4.84 -8.80
CA ALA B 74 22.52 4.19 -7.53
C ALA B 74 21.27 4.69 -6.86
N MSE B 75 20.64 3.81 -6.08
CA MSE B 75 19.43 4.14 -5.31
C MSE B 75 19.67 3.90 -3.83
O MSE B 75 20.41 3.01 -3.45
CB MSE B 75 18.27 3.30 -5.76
CG MSE B 75 17.63 3.95 -6.97
SE MSE B 75 16.10 2.92 -7.72
CE MSE B 75 14.86 3.73 -6.47
N GLY B 76 19.06 4.71 -2.98
CA GLY B 76 19.14 4.51 -1.55
C GLY B 76 18.05 3.54 -1.10
N ASP B 77 18.02 3.27 0.21
CA ASP B 77 17.00 2.41 0.81
C ASP B 77 15.63 3.06 0.76
N GLU B 78 14.62 2.21 0.80
CA GLU B 78 13.27 2.67 0.89
C GLU B 78 13.10 3.40 2.21
N ILE B 79 12.36 4.49 2.16
CA ILE B 79 12.07 5.27 3.30
C ILE B 79 10.56 5.21 3.50
N THR B 80 10.13 4.92 4.73
CA THR B 80 8.77 5.16 5.12
C THR B 80 8.78 6.23 6.20
N GLN B 81 7.98 7.27 6.02
CA GLN B 81 7.90 8.37 6.98
C GLN B 81 6.47 8.88 7.21
N SER B 82 6.09 9.06 8.47
CA SER B 82 4.84 9.73 8.79
C SER B 82 5.11 11.19 9.17
N ILE B 83 4.46 12.12 8.48
CA ILE B 83 4.52 13.54 8.81
C ILE B 83 3.13 13.91 9.37
N SER B 84 3.11 14.37 10.62
CA SER B 84 1.83 14.58 11.32
C SER B 84 1.11 15.84 10.84
N GLY B 85 1.86 16.91 10.56
CA GLY B 85 1.28 18.20 10.14
C GLY B 85 1.31 18.50 8.64
N ASN B 86 1.24 19.80 8.33
CA ASN B 86 1.09 20.32 6.98
C ASN B 86 2.43 20.51 6.26
N SER B 87 3.53 20.32 6.98
CA SER B 87 4.86 20.42 6.38
C SER B 87 5.82 19.46 7.07
N GLY B 88 6.85 19.05 6.35
CA GLY B 88 7.83 18.18 6.91
C GLY B 88 8.99 18.01 5.98
N THR B 89 9.94 17.18 6.41
CA THR B 89 11.23 17.03 5.77
C THR B 89 11.51 15.55 5.61
N ILE B 90 11.79 15.13 4.38
CA ILE B 90 12.24 13.79 4.10
C ILE B 90 13.74 13.82 3.88
N THR B 91 14.45 12.97 4.60
CA THR B 91 15.90 12.99 4.56
C THR B 91 16.44 11.65 4.09
N TRP B 92 17.37 11.71 3.12
CA TRP B 92 18.19 10.57 2.77
C TRP B 92 19.60 10.79 3.29
N LYS B 93 20.03 9.90 4.18
CA LYS B 93 21.41 9.89 4.65
C LYS B 93 22.16 9.09 3.63
N VAL B 94 23.09 9.73 2.93
CA VAL B 94 23.72 9.09 1.79
C VAL B 94 24.81 8.17 2.31
N PRO B 95 24.81 6.89 1.90
CA PRO B 95 25.91 6.00 2.30
C PRO B 95 27.25 6.48 1.73
N SER B 96 28.32 6.29 2.49
CA SER B 96 29.63 6.84 2.14
CA SER B 96 29.63 6.82 2.14
C SER B 96 30.12 6.30 0.77
N ASP B 97 29.81 5.04 0.47
CA ASP B 97 30.20 4.45 -0.79
CA ASP B 97 30.23 4.48 -0.79
C ASP B 97 29.48 5.10 -1.96
N ILE B 98 28.20 5.44 -1.80
CA ILE B 98 27.49 6.14 -2.88
C ILE B 98 28.00 7.57 -2.97
N SER B 99 28.15 8.23 -1.83
CA SER B 99 28.57 9.62 -1.83
C SER B 99 29.88 9.85 -2.58
N SER B 100 30.83 8.94 -2.39
CA SER B 100 32.11 9.04 -3.06
C SER B 100 32.05 8.95 -4.61
N ILE B 101 30.94 8.49 -5.18
CA ILE B 101 30.82 8.38 -6.66
C ILE B 101 29.67 9.14 -7.30
N ILE B 102 29.01 10.00 -6.53
CA ILE B 102 27.95 10.81 -7.10
C ILE B 102 28.52 11.66 -8.24
N GLN B 103 27.79 11.70 -9.34
CA GLN B 103 28.16 12.46 -10.49
C GLN B 103 27.38 13.73 -10.48
N THR B 104 28.01 14.82 -10.02
CA THR B 104 27.37 16.12 -9.99
C THR B 104 27.56 16.88 -11.33
N GLN B 105 28.44 16.38 -12.19
CA GLN B 105 28.77 17.03 -13.46
C GLN B 105 28.10 16.35 -14.64
N TYR B 106 28.23 16.98 -15.81
CA TYR B 106 27.78 16.40 -17.07
C TYR B 106 26.31 15.92 -17.08
N GLY B 107 25.40 16.69 -16.47
CA GLY B 107 23.97 16.38 -16.48
C GLY B 107 23.45 15.48 -15.31
N GLY B 108 24.34 15.13 -14.39
CA GLY B 108 23.98 14.35 -13.22
C GLY B 108 22.85 14.98 -12.43
N GLU B 109 22.01 14.10 -11.87
CA GLU B 109 20.79 14.50 -11.17
C GLU B 109 20.65 13.73 -9.86
N ILE B 110 19.92 14.35 -8.93
CA ILE B 110 19.38 13.71 -7.73
C ILE B 110 17.89 13.56 -8.01
N LYS B 111 17.34 12.38 -7.69
CA LYS B 111 15.95 12.06 -7.98
C LYS B 111 15.21 11.59 -6.74
N PHE B 112 14.04 12.20 -6.53
CA PHE B 112 13.22 12.02 -5.35
C PHE B 112 12.04 11.13 -5.77
N GLY B 113 12.03 9.89 -5.32
CA GLY B 113 10.99 8.95 -5.68
C GLY B 113 9.83 8.98 -4.70
N VAL B 114 8.61 9.10 -5.23
CA VAL B 114 7.38 9.03 -4.43
C VAL B 114 6.56 7.79 -4.83
N TRP B 115 6.67 6.70 -4.06
CA TRP B 115 5.93 5.47 -4.36
C TRP B 115 4.51 5.55 -3.79
N TRP B 116 4.33 6.35 -2.73
CA TRP B 116 3.02 6.57 -2.14
C TRP B 116 3.11 7.79 -1.23
N ILE B 117 2.02 8.57 -1.17
CA ILE B 117 1.89 9.59 -0.16
C ILE B 117 0.41 9.75 0.18
N ASP B 118 0.07 9.87 1.46
CA ASP B 118 -1.35 9.86 1.89
C ASP B 118 -2.08 11.12 1.40
N CYS B 119 -1.50 12.30 1.61
CA CYS B 119 -2.04 13.52 1.03
C CYS B 119 -1.58 13.59 -0.43
N ASP B 120 -2.52 13.67 -1.34
CA ASP B 120 -2.20 13.44 -2.75
C ASP B 120 -1.34 14.56 -3.36
N GLU B 121 -1.74 15.78 -3.07
CA GLU B 121 -1.11 16.96 -3.59
C GLU B 121 -0.22 17.61 -2.52
N PHE B 122 1.02 17.90 -2.90
CA PHE B 122 1.96 18.57 -2.02
C PHE B 122 2.90 19.39 -2.89
N THR B 123 3.69 20.23 -2.25
CA THR B 123 4.63 21.09 -2.95
C THR B 123 6.02 20.78 -2.41
N ILE B 124 6.98 20.64 -3.32
CA ILE B 124 8.39 20.58 -2.93
C ILE B 124 8.89 22.03 -2.79
N ASP B 125 8.99 22.51 -1.55
CA ASP B 125 9.41 23.91 -1.30
C ASP B 125 10.91 24.11 -1.43
N SER B 126 11.69 23.13 -0.97
CA SER B 126 13.13 23.20 -1.14
C SER B 126 13.76 21.83 -1.08
N VAL B 127 14.92 21.74 -1.74
CA VAL B 127 15.79 20.58 -1.68
C VAL B 127 17.16 21.09 -1.19
N VAL B 128 17.72 20.38 -0.21
CA VAL B 128 18.94 20.79 0.45
C VAL B 128 19.96 19.68 0.36
N LEU B 129 21.17 20.01 -0.02
CA LEU B 129 22.28 19.09 0.07
C LEU B 129 23.11 19.46 1.27
N LYS B 130 23.38 18.51 2.15
CA LYS B 130 24.34 18.73 3.22
C LYS B 130 25.65 18.04 2.86
N LEU B 131 26.75 18.70 3.24
CA LEU B 131 28.09 18.28 2.85
C LEU B 131 28.90 17.86 4.06
N GLU B 132 29.90 17.03 3.81
CA GLU B 132 30.81 16.61 4.87
C GLU B 132 31.63 17.86 5.27
N HIS B 133 31.78 18.17 6.56
CA HIS B 133 32.71 19.27 6.96
C HIS B 133 34.10 18.74 7.28
N SER C 3 -26.42 7.01 -29.62
CA SER C 3 -26.62 6.96 -28.14
C SER C 3 -25.38 7.49 -27.48
N ASP C 4 -25.56 8.23 -26.39
CA ASP C 4 -24.42 8.89 -25.75
C ASP C 4 -23.75 7.71 -25.08
N GLY C 5 -24.59 7.03 -24.32
CA GLY C 5 -24.20 5.85 -23.65
C GLY C 5 -25.37 5.09 -23.09
N TYR C 6 -25.00 4.16 -22.22
CA TYR C 6 -25.91 3.37 -21.46
C TYR C 6 -25.49 3.35 -20.00
N THR C 7 -26.47 3.22 -19.12
CA THR C 7 -26.27 3.28 -17.68
C THR C 7 -26.98 2.11 -17.03
N ILE C 8 -26.33 1.51 -16.03
CA ILE C 8 -27.01 0.63 -15.06
C ILE C 8 -26.85 1.17 -13.63
N LYS C 9 -27.80 0.83 -12.75
CA LYS C 9 -27.78 1.30 -11.36
C LYS C 9 -27.82 0.12 -10.43
N PRO C 10 -26.67 -0.46 -10.14
CA PRO C 10 -26.68 -1.67 -9.34
C PRO C 10 -26.79 -1.43 -7.84
N ASN C 11 -26.55 -0.19 -7.37
CA ASN C 11 -26.63 0.10 -5.93
C ASN C 11 -25.92 -1.00 -5.13
N LYS C 12 -24.69 -1.31 -5.53
CA LYS C 12 -23.95 -2.40 -4.92
C LYS C 12 -23.04 -1.86 -3.84
N LYS C 13 -23.34 -2.25 -2.61
CA LYS C 13 -22.50 -1.94 -1.48
C LYS C 13 -21.25 -2.82 -1.52
N VAL C 14 -20.08 -2.20 -1.36
CA VAL C 14 -18.82 -2.92 -1.32
C VAL C 14 -18.06 -2.57 -0.04
N THR C 15 -17.55 -3.60 0.66
CA THR C 15 -16.60 -3.42 1.77
C THR C 15 -15.26 -4.00 1.33
N TYR C 16 -14.31 -3.11 1.00
CA TYR C 16 -13.03 -3.52 0.44
C TYR C 16 -12.34 -4.58 1.29
N SER C 17 -12.21 -4.32 2.59
CA SER C 17 -11.51 -5.20 3.50
CA SER C 17 -11.51 -5.21 3.52
C SER C 17 -12.16 -6.58 3.69
N ALA C 18 -13.40 -6.74 3.24
CA ALA C 18 -14.09 -8.03 3.34
C ALA C 18 -13.94 -8.85 2.06
N LEU C 19 -13.37 -8.27 1.00
CA LEU C 19 -13.15 -9.00 -0.24
C LEU C 19 -11.93 -9.91 -0.11
N GLY C 20 -12.10 -11.18 -0.48
CA GLY C 20 -10.96 -12.08 -0.59
C GLY C 20 -10.02 -11.66 -1.70
N GLU C 21 -8.79 -12.17 -1.66
CA GLU C 21 -7.78 -11.85 -2.69
C GLU C 21 -8.21 -12.20 -4.11
N ASP C 22 -9.16 -13.11 -4.23
CA ASP C 22 -9.69 -13.48 -5.52
C ASP C 22 -11.05 -12.88 -5.79
N GLU C 23 -11.45 -11.88 -5.02
CA GLU C 23 -12.78 -11.26 -5.19
C GLU C 23 -12.72 -9.76 -5.37
N ARG C 24 -11.55 -9.23 -5.74
CA ARG C 24 -11.41 -7.77 -5.83
C ARG C 24 -11.83 -7.15 -7.18
N MSE C 25 -12.30 -7.97 -8.11
CA MSE C 25 -12.93 -7.46 -9.34
C MSE C 25 -14.41 -7.67 -9.28
O MSE C 25 -14.86 -8.80 -9.16
CB MSE C 25 -12.36 -8.16 -10.58
CG MSE C 25 -10.88 -7.86 -10.70
SE MSE C 25 -10.29 -7.95 -12.57
CE MSE C 25 -10.50 -6.10 -13.11
N ILE C 26 -15.18 -6.59 -9.38
CA ILE C 26 -16.64 -6.65 -9.42
C ILE C 26 -17.15 -6.65 -10.87
N GLY C 27 -17.86 -7.71 -11.25
CA GLY C 27 -18.30 -7.91 -12.64
C GLY C 27 -19.70 -7.46 -12.95
N PHE C 28 -19.93 -6.95 -14.16
CA PHE C 28 -21.28 -6.60 -14.65
C PHE C 28 -21.47 -7.10 -16.08
N SER C 29 -22.59 -7.76 -16.33
CA SER C 29 -22.88 -8.29 -17.67
CA SER C 29 -22.90 -8.30 -17.66
C SER C 29 -23.17 -7.19 -18.65
N TYR C 30 -22.52 -7.23 -19.82
CA TYR C 30 -22.81 -6.23 -20.87
C TYR C 30 -24.29 -6.22 -21.30
N LYS C 31 -24.91 -7.40 -21.32
CA LYS C 31 -26.32 -7.48 -21.73
C LYS C 31 -27.25 -6.64 -20.84
N ASP C 32 -26.87 -6.40 -19.58
CA ASP C 32 -27.66 -5.53 -18.70
C ASP C 32 -27.76 -4.07 -19.16
N PHE C 33 -26.85 -3.61 -20.01
CA PHE C 33 -26.81 -2.22 -20.44
C PHE C 33 -27.69 -2.00 -21.66
N GLY C 34 -27.88 -3.04 -22.48
CA GLY C 34 -28.63 -2.93 -23.72
C GLY C 34 -27.77 -2.45 -24.87
N ILE C 35 -26.45 -2.57 -24.76
CA ILE C 35 -25.53 -2.14 -25.83
C ILE C 35 -25.62 -3.01 -27.11
N SER C 36 -25.54 -2.37 -28.28
CA SER C 36 -25.48 -3.07 -29.57
C SER C 36 -24.04 -3.42 -29.90
N SER C 37 -23.85 -4.57 -30.55
CA SER C 37 -22.59 -4.89 -31.18
C SER C 37 -22.70 -3.85 -32.29
N SER C 38 -21.60 -3.27 -32.71
CA SER C 38 -21.65 -2.18 -33.72
C SER C 38 -21.42 -0.83 -33.09
N GLU C 39 -21.67 -0.72 -31.78
CA GLU C 39 -21.33 0.46 -31.03
C GLU C 39 -19.98 0.21 -30.34
N LYS C 40 -19.11 1.21 -30.40
CA LYS C 40 -17.76 1.09 -29.87
C LYS C 40 -17.71 1.85 -28.55
N ILE C 41 -17.25 1.16 -27.51
CA ILE C 41 -17.12 1.77 -26.19
C ILE C 41 -15.84 2.56 -26.11
N THR C 42 -15.97 3.83 -25.75
CA THR C 42 -14.81 4.71 -25.57
C THR C 42 -14.45 4.93 -24.11
N GLU C 43 -15.44 4.91 -23.23
CA GLU C 43 -15.22 5.07 -21.79
C GLU C 43 -16.16 4.22 -20.94
N VAL C 44 -15.63 3.77 -19.81
CA VAL C 44 -16.45 3.19 -18.75
C VAL C 44 -16.31 4.08 -17.52
N GLN C 45 -17.44 4.49 -16.95
CA GLN C 45 -17.48 5.32 -15.74
C GLN C 45 -18.19 4.59 -14.61
N VAL C 46 -17.57 4.60 -13.44
CA VAL C 46 -18.16 4.02 -12.26
C VAL C 46 -18.35 5.14 -11.25
N ASN C 47 -19.61 5.39 -10.89
CA ASN C 47 -19.98 6.44 -9.96
C ASN C 47 -20.20 5.83 -8.60
N ILE C 48 -19.42 6.28 -7.63
CA ILE C 48 -19.43 5.73 -6.29
C ILE C 48 -19.75 6.81 -5.26
N SER C 49 -20.24 6.38 -4.10
CA SER C 49 -20.39 7.28 -2.96
C SER C 49 -20.10 6.55 -1.65
N ALA C 50 -19.90 7.32 -0.59
CA ALA C 50 -19.57 6.77 0.70
C ALA C 50 -20.14 7.69 1.79
N ASN C 51 -20.09 7.24 3.04
CA ASN C 51 -20.60 8.05 4.16
CA ASN C 51 -20.59 8.03 4.17
C ASN C 51 -19.51 8.98 4.71
N LYS C 52 -18.38 9.03 4.03
CA LYS C 52 -17.31 9.97 4.37
C LYS C 52 -16.44 10.18 3.13
N ASN C 53 -15.42 11.03 3.27
CA ASN C 53 -14.52 11.33 2.15
C ASN C 53 -13.83 10.05 1.64
N ILE C 54 -13.85 9.88 0.33
CA ILE C 54 -13.41 8.63 -0.28
C ILE C 54 -11.87 8.49 -0.28
N GLY C 55 -11.17 9.56 -0.61
CA GLY C 55 -9.71 9.54 -0.73
C GLY C 55 -9.23 8.80 -1.97
N LYS C 56 -8.10 8.09 -1.82
CA LYS C 56 -7.47 7.40 -2.95
C LYS C 56 -8.03 6.03 -3.29
N TYR C 57 -8.23 5.83 -4.58
CA TYR C 57 -8.56 4.56 -5.19
C TYR C 57 -7.39 4.15 -6.08
N VAL C 58 -7.08 2.85 -6.07
CA VAL C 58 -6.13 2.24 -6.99
C VAL C 58 -6.81 0.98 -7.53
N GLY C 59 -6.84 0.85 -8.84
CA GLY C 59 -7.43 -0.32 -9.44
C GLY C 59 -7.21 -0.38 -10.93
N GLN C 60 -7.92 -1.32 -11.54
CA GLN C 60 -7.89 -1.58 -12.95
C GLN C 60 -9.24 -2.12 -13.40
N PHE C 61 -9.56 -1.89 -14.68
CA PHE C 61 -10.72 -2.50 -15.32
C PHE C 61 -10.28 -3.67 -16.18
N GLY C 62 -11.19 -4.61 -16.35
CA GLY C 62 -11.00 -5.66 -17.33
C GLY C 62 -12.28 -5.91 -18.08
N THR C 63 -12.16 -6.46 -19.29
CA THR C 63 -13.30 -6.77 -20.15
C THR C 63 -13.13 -8.05 -20.92
N SER C 64 -14.26 -8.74 -21.18
CA SER C 64 -14.29 -9.83 -22.13
C SER C 64 -13.95 -9.31 -23.52
N THR C 65 -13.34 -10.15 -24.32
CA THR C 65 -13.04 -9.84 -25.69
C THR C 65 -13.29 -11.06 -26.56
N THR C 66 -13.23 -10.87 -27.87
CA THR C 66 -13.36 -11.96 -28.85
C THR C 66 -12.03 -12.63 -29.21
N ASP C 67 -10.95 -12.24 -28.54
CA ASP C 67 -9.57 -12.66 -28.85
C ASP C 67 -9.19 -13.95 -28.09
N SER C 68 -9.42 -15.12 -28.70
CA SER C 68 -9.10 -16.40 -28.04
C SER C 68 -7.62 -16.58 -27.69
N ALA C 69 -6.73 -15.97 -28.47
CA ALA C 69 -5.27 -16.09 -28.20
C ALA C 69 -4.86 -15.44 -26.89
N ASN C 70 -5.62 -14.44 -26.46
CA ASN C 70 -5.41 -13.81 -25.17
C ASN C 70 -6.54 -14.13 -24.17
N GLY C 71 -7.10 -15.33 -24.27
CA GLY C 71 -8.02 -15.83 -23.27
C GLY C 71 -9.34 -15.08 -23.14
N TYR C 72 -9.72 -14.38 -24.21
CA TYR C 72 -10.96 -13.64 -24.26
C TYR C 72 -11.04 -12.60 -23.16
N TRP C 73 -9.89 -11.99 -22.84
CA TRP C 73 -9.76 -11.07 -21.71
C TRP C 73 -8.71 -10.02 -21.98
N ALA C 74 -9.02 -8.79 -21.65
CA ALA C 74 -8.06 -7.71 -21.69
C ALA C 74 -8.26 -6.83 -20.48
N MSE C 75 -7.18 -6.26 -19.98
CA MSE C 75 -7.22 -5.32 -18.84
C MSE C 75 -6.66 -3.97 -19.23
O MSE C 75 -5.76 -3.89 -20.03
CB MSE C 75 -6.40 -5.88 -17.67
CG MSE C 75 -7.21 -6.97 -16.94
SE MSE C 75 -6.32 -7.70 -15.33
CE MSE C 75 -6.63 -6.15 -14.19
N GLY C 76 -7.20 -2.92 -18.63
CA GLY C 76 -6.69 -1.59 -18.88
C GLY C 76 -5.54 -1.28 -17.94
N ASP C 77 -5.03 -0.07 -18.07
CA ASP C 77 -3.96 0.41 -17.19
C ASP C 77 -4.45 0.59 -15.79
N GLU C 78 -3.50 0.52 -14.85
CA GLU C 78 -3.77 0.84 -13.47
C GLU C 78 -4.17 2.29 -13.39
N ILE C 79 -5.13 2.55 -12.53
CA ILE C 79 -5.61 3.90 -12.32
C ILE C 79 -5.41 4.22 -10.86
N THR C 80 -4.82 5.38 -10.58
CA THR C 80 -4.80 5.91 -9.23
C THR C 80 -5.57 7.21 -9.24
N GLN C 81 -6.52 7.34 -8.33
CA GLN C 81 -7.39 8.51 -8.28
C GLN C 81 -7.71 8.97 -6.86
N SER C 82 -7.60 10.26 -6.60
CA SER C 82 -8.01 10.83 -5.33
C SER C 82 -9.38 11.51 -5.48
N ILE C 83 -10.34 11.10 -4.67
CA ILE C 83 -11.67 11.72 -4.63
C ILE C 83 -11.78 12.44 -3.30
N SER C 84 -11.93 13.77 -3.35
CA SER C 84 -11.85 14.59 -2.14
C SER C 84 -13.10 14.49 -1.27
N GLY C 85 -14.28 14.40 -1.90
CA GLY C 85 -15.56 14.33 -1.19
C GLY C 85 -16.17 12.94 -1.03
N ASN C 86 -17.49 12.93 -0.82
CA ASN C 86 -18.27 11.73 -0.48
C ASN C 86 -18.74 10.97 -1.72
N SER C 87 -18.53 11.53 -2.90
CA SER C 87 -18.90 10.87 -4.13
C SER C 87 -17.91 11.25 -5.23
N GLY C 88 -17.78 10.37 -6.21
CA GLY C 88 -16.92 10.63 -7.33
C GLY C 88 -17.07 9.58 -8.40
N THR C 89 -16.27 9.75 -9.45
CA THR C 89 -16.42 9.00 -10.70
C THR C 89 -15.06 8.49 -11.10
N ILE C 90 -14.94 7.18 -11.29
CA ILE C 90 -13.73 6.57 -11.80
C ILE C 90 -13.93 6.23 -13.26
N THR C 91 -13.00 6.66 -14.09
CA THR C 91 -13.19 6.58 -15.53
C THR C 91 -12.06 5.79 -16.14
N TRP C 92 -12.42 4.77 -16.91
CA TRP C 92 -11.47 4.11 -17.81
C TRP C 92 -11.71 4.58 -19.24
N LYS C 93 -10.71 5.22 -19.84
CA LYS C 93 -10.72 5.55 -21.26
C LYS C 93 -10.24 4.31 -21.97
N VAL C 94 -11.09 3.69 -22.76
CA VAL C 94 -10.77 2.39 -23.32
C VAL C 94 -9.90 2.58 -24.54
N PRO C 95 -8.76 1.87 -24.62
CA PRO C 95 -7.91 2.00 -25.81
C PRO C 95 -8.59 1.45 -27.04
N SER C 96 -8.32 2.05 -28.20
CA SER C 96 -9.01 1.68 -29.44
C SER C 96 -8.81 0.21 -29.82
N ASP C 97 -7.63 -0.31 -29.56
CA ASP C 97 -7.35 -1.73 -29.85
C ASP C 97 -8.15 -2.69 -28.96
N ILE C 98 -8.38 -2.33 -27.70
CA ILE C 98 -9.26 -3.15 -26.84
C ILE C 98 -10.73 -2.95 -27.20
N SER C 99 -11.13 -1.70 -27.40
CA SER C 99 -12.50 -1.39 -27.79
C SER C 99 -12.97 -2.20 -29.01
N SER C 100 -12.10 -2.34 -30.00
CA SER C 100 -12.45 -3.05 -31.24
C SER C 100 -12.70 -4.55 -31.05
N ILE C 101 -12.30 -5.13 -29.91
CA ILE C 101 -12.53 -6.54 -29.70
C ILE C 101 -13.36 -6.86 -28.46
N ILE C 102 -13.95 -5.85 -27.83
CA ILE C 102 -14.80 -6.11 -26.66
C ILE C 102 -15.95 -7.02 -27.08
N GLN C 103 -16.21 -8.01 -26.26
CA GLN C 103 -17.27 -8.96 -26.51
C GLN C 103 -18.43 -8.60 -25.62
N THR C 104 -19.42 -7.91 -26.18
CA THR C 104 -20.61 -7.52 -25.41
C THR C 104 -21.67 -8.61 -25.40
N GLN C 105 -21.51 -9.60 -26.28
CA GLN C 105 -22.50 -10.64 -26.46
C GLN C 105 -22.05 -11.93 -25.78
N TYR C 106 -22.92 -12.93 -25.78
CA TYR C 106 -22.56 -14.31 -25.39
C TYR C 106 -21.81 -14.43 -24.04
N GLY C 107 -22.28 -13.71 -23.03
CA GLY C 107 -21.72 -13.81 -21.67
C GLY C 107 -20.62 -12.81 -21.33
N GLY C 108 -20.34 -11.89 -22.24
CA GLY C 108 -19.33 -10.87 -21.99
C GLY C 108 -19.62 -9.91 -20.82
N GLU C 109 -18.56 -9.53 -20.12
CA GLU C 109 -18.63 -8.72 -18.90
C GLU C 109 -17.59 -7.62 -18.88
N ILE C 110 -17.90 -6.57 -18.15
CA ILE C 110 -16.98 -5.50 -17.79
C ILE C 110 -16.74 -5.66 -16.28
N LYS C 111 -15.49 -5.58 -15.86
CA LYS C 111 -15.13 -5.80 -14.48
C LYS C 111 -14.37 -4.63 -13.90
N PHE C 112 -14.78 -4.22 -12.71
CA PHE C 112 -14.22 -3.07 -11.99
C PHE C 112 -13.33 -3.60 -10.85
N GLY C 113 -12.03 -3.41 -10.97
CA GLY C 113 -11.10 -3.91 -9.99
C GLY C 113 -10.81 -2.85 -8.95
N VAL C 114 -10.87 -3.24 -7.69
CA VAL C 114 -10.48 -2.38 -6.56
C VAL C 114 -9.29 -2.99 -5.82
N TRP C 115 -8.07 -2.52 -6.12
CA TRP C 115 -6.86 -3.02 -5.45
C TRP C 115 -6.64 -2.32 -4.10
N TRP C 116 -7.13 -1.10 -3.96
CA TRP C 116 -7.08 -0.37 -2.70
C TRP C 116 -8.07 0.77 -2.75
N ILE C 117 -8.70 1.09 -1.63
CA ILE C 117 -9.49 2.31 -1.51
C ILE C 117 -9.43 2.77 -0.07
N ASP C 118 -9.18 4.08 0.14
CA ASP C 118 -8.94 4.62 1.51
C ASP C 118 -10.18 4.50 2.40
N CYS C 119 -11.34 4.91 1.89
CA CYS C 119 -12.61 4.67 2.59
CA CYS C 119 -12.62 4.68 2.57
C CYS C 119 -13.04 3.24 2.31
N ASP C 120 -13.21 2.46 3.37
CA ASP C 120 -13.35 1.01 3.19
C ASP C 120 -14.68 0.61 2.51
N GLU C 121 -15.76 1.21 2.98
CA GLU C 121 -17.09 0.93 2.47
C GLU C 121 -17.55 2.02 1.53
N PHE C 122 -18.07 1.60 0.38
CA PHE C 122 -18.63 2.53 -0.58
C PHE C 122 -19.74 1.79 -1.34
N THR C 123 -20.48 2.52 -2.15
CA THR C 123 -21.57 1.97 -2.95
C THR C 123 -21.29 2.31 -4.39
N ILE C 124 -21.45 1.33 -5.27
CA ILE C 124 -21.45 1.57 -6.70
C ILE C 124 -22.87 1.99 -7.10
N ASP C 125 -23.08 3.29 -7.30
CA ASP C 125 -24.41 3.81 -7.63
C ASP C 125 -24.78 3.59 -9.09
N SER C 126 -23.81 3.76 -9.98
CA SER C 126 -24.07 3.51 -11.39
C SER C 126 -22.80 3.22 -12.12
N VAL C 127 -22.96 2.49 -13.23
CA VAL C 127 -21.90 2.23 -14.19
C VAL C 127 -22.42 2.71 -15.55
N VAL C 128 -21.59 3.50 -16.23
CA VAL C 128 -21.95 4.14 -17.48
C VAL C 128 -20.97 3.72 -18.59
N LEU C 129 -21.50 3.32 -19.74
CA LEU C 129 -20.68 3.13 -20.95
C LEU C 129 -20.86 4.30 -21.88
N LYS C 130 -19.77 4.92 -22.29
CA LYS C 130 -19.83 5.97 -23.29
C LYS C 130 -19.39 5.39 -24.63
N LEU C 131 -20.04 5.85 -25.69
CA LEU C 131 -19.82 5.34 -27.05
C LEU C 131 -19.22 6.37 -27.98
N GLU C 132 -18.56 5.89 -29.03
CA GLU C 132 -17.91 6.72 -30.06
C GLU C 132 -18.95 7.37 -30.95
N HIS C 133 -18.59 8.51 -31.54
CA HIS C 133 -19.38 9.21 -32.55
C HIS C 133 -20.64 9.80 -31.94
C2 2PE D . 12.97 -22.09 16.95
C3 2PE D . 13.92 -21.92 15.75
O4 2PE D . 13.34 -21.03 14.78
C5 2PE D . 13.58 -21.41 13.44
C6 2PE D . 12.52 -20.78 12.55
O7 2PE D . 12.35 -19.41 12.91
C8 2PE D . 11.68 -18.75 11.86
C9 2PE D . 11.13 -17.43 12.35
O10 2PE D . 11.99 -16.40 11.88
O1 P6G E . 15.54 -26.64 16.94
C2 P6G E . 16.00 -25.37 16.46
C3 P6G E . 15.69 -24.24 17.45
O4 P6G E . 16.36 -24.48 18.68
C5 P6G E . 16.08 -23.51 19.68
C6 P6G E . 16.83 -23.91 20.94
O7 P6G E . 16.01 -24.66 21.85
C8 P6G E . 16.51 -25.94 22.28
C9 P6G E . 15.35 -26.92 22.36
O10 P6G E . 15.53 -28.12 21.60
C11 P6G E . 14.34 -28.92 21.39
C12 P6G E . 14.16 -29.30 19.92
O13 P6G E . 12.80 -29.16 19.49
C14 P6G E . 12.62 -28.55 18.20
C15 P6G E . 11.53 -27.47 18.22
O16 P6G E . 11.80 -26.24 17.52
C17 P6G E . 11.81 -25.07 18.39
C18 P6G E . 11.29 -23.77 17.77
O19 P6G E . 12.28 -22.73 17.90
C1 EDO F . 16.37 -29.28 16.94
O1 EDO F . 17.27 -29.59 18.01
C2 EDO F . 16.24 -27.78 16.77
C1 GOL G . 8.18 -0.05 -5.18
O1 GOL G . 8.36 -1.43 -4.85
C2 GOL G . 8.33 0.13 -6.70
O2 GOL G . 9.71 0.02 -7.05
C3 GOL G . 7.84 1.50 -7.18
O3 GOL G . 6.56 1.81 -6.63
C1 PEG H . 14.00 3.39 -11.20
O1 PEG H . 12.59 3.33 -10.96
C2 PEG H . 14.37 3.06 -12.64
O2 PEG H . 15.33 3.98 -13.16
C3 PEG H . 14.72 5.20 -13.62
C4 PEG H . 15.71 6.37 -13.57
O4 PEG H . 16.94 5.93 -14.18
CA CA I . 20.20 20.60 9.84
C1 PEG J . -5.50 -9.19 -5.17
O1 PEG J . -4.16 -9.15 -4.63
C2 PEG J . -5.56 -9.42 -6.67
O2 PEG J . -4.78 -8.40 -7.28
C3 PEG J . -5.06 -8.09 -8.65
C4 PEG J . -3.81 -8.32 -9.51
O4 PEG J . -2.87 -7.23 -9.32
O1 PG4 K . -16.45 -14.89 -25.53
C1 PG4 K . -16.42 -14.23 -24.26
C2 PG4 K . -17.49 -14.70 -23.27
O2 PG4 K . -17.02 -15.83 -22.52
C3 PG4 K . -16.30 -15.57 -21.33
C4 PG4 K . -15.50 -16.80 -20.90
O3 PG4 K . -14.13 -16.50 -20.63
C5 PG4 K . -13.98 -15.62 -19.53
C6 PG4 K . -12.54 -15.22 -19.42
O4 PG4 K . -12.39 -14.73 -18.10
C7 PG4 K . -12.55 -13.32 -18.05
C8 PG4 K . -12.54 -12.92 -16.60
O5 PG4 K . -11.29 -13.27 -16.01
O5 HHD L . 0.97 -4.74 1.42
CZ HHD L . 0.83 -3.49 1.41
O4 HHD L . 1.79 -2.75 1.70
CE HHD L . -0.51 -2.90 1.04
CD HHD L . -0.58 -1.42 1.39
CG HHD L . -1.50 -0.63 0.47
CB HHD L . -0.71 0.35 -0.41
O3 HHD L . -0.23 1.41 0.43
CA HHD L . -1.57 0.93 -1.55
C HHD L . -1.29 0.27 -2.90
O2 HHD L . -0.36 0.72 -3.61
O1 HHD L . -2.00 -0.69 -3.28
#